data_2F5T
#
_entry.id   2F5T
#
_cell.length_a   56.857
_cell.length_b   56.857
_cell.length_c   132.482
_cell.angle_alpha   90.00
_cell.angle_beta   90.00
_cell.angle_gamma   120.00
#
_symmetry.space_group_name_H-M   'P 32 2 1'
#
loop_
_entity.id
_entity.type
_entity.pdbx_description
1 polymer 'archaeal transcriptional regulator TrmB'
2 branched alpha-D-glucopyranose-(1-4)-alpha-D-glucopyranose
3 non-polymer IMIDAZOLE
4 water water
#
_entity_poly.entity_id   1
_entity_poly.type   'polypeptide(L)'
_entity_poly.pdbx_seq_one_letter_code
;AIWRSRSFDEAIEMFRESLYSAKNEVIVVTPSEFFETIREDLIKTLERGVTVSLYIDKIPDLSEFKGKGNFFVRQFYKLN
HLIGMTDGKEVVTIQNATFDSIGPPSFKSTYPEIIFSQYSLIIEIFKESTLEKEIIGNPKDIRFFAMFHAVDFVKNHLKN
RNIYAEITGKNLESGRLETLTGRVVGYTLSLREAVNNIHLETENGVVKVGGMFAVIEDYESTEIKFIMGGSRS
;
_entity_poly.pdbx_strand_id   X
#
loop_
_chem_comp.id
_chem_comp.type
_chem_comp.name
_chem_comp.formula
GLC D-saccharide, alpha linking alpha-D-glucopyranose 'C6 H12 O6'
IMD non-polymer IMIDAZOLE 'C3 H5 N2 1'
#
# COMPACT_ATOMS: atom_id res chain seq x y z
N ALA A 1 17.11 -5.64 -10.55
CA ALA A 1 18.29 -5.97 -9.68
C ALA A 1 17.90 -6.57 -8.33
N ILE A 2 18.85 -7.29 -7.71
CA ILE A 2 18.85 -7.62 -6.25
C ILE A 2 20.11 -7.07 -5.55
N TRP A 3 19.87 -6.26 -4.51
CA TRP A 3 20.92 -5.73 -3.64
C TRP A 3 20.82 -6.49 -2.31
N ARG A 4 21.94 -6.88 -1.74
CA ARG A 4 21.99 -7.68 -0.55
C ARG A 4 22.87 -7.03 0.49
N SER A 5 22.52 -7.19 1.76
CA SER A 5 23.38 -6.77 2.85
C SER A 5 23.31 -7.69 4.08
N ARG A 6 24.34 -7.63 4.94
CA ARG A 6 24.31 -8.22 6.30
C ARG A 6 24.53 -7.16 7.38
N SER A 7 24.24 -5.90 7.07
CA SER A 7 24.33 -4.81 8.04
C SER A 7 22.97 -4.25 8.25
N PHE A 8 22.48 -4.25 9.49
CA PHE A 8 21.16 -3.67 9.81
C PHE A 8 21.15 -2.20 9.41
N ASP A 9 22.26 -1.51 9.69
CA ASP A 9 22.38 -0.08 9.36
C ASP A 9 22.23 0.15 7.85
N GLU A 10 22.94 -0.64 7.07
CA GLU A 10 22.86 -0.50 5.61
C GLU A 10 21.45 -0.81 5.14
N ALA A 11 20.86 -1.88 5.66
CA ALA A 11 19.50 -2.21 5.29
C ALA A 11 18.49 -1.12 5.63
N ILE A 12 18.59 -0.53 6.82
CA ILE A 12 17.67 0.52 7.17
C ILE A 12 17.87 1.73 6.22
N GLU A 13 19.11 2.01 5.84
CA GLU A 13 19.34 3.08 4.88
C GLU A 13 18.68 2.75 3.53
N MET A 14 18.77 1.50 3.10
CA MET A 14 18.06 1.13 1.84
C MET A 14 16.55 1.26 1.96
N PHE A 15 16.04 0.85 3.10
CA PHE A 15 14.62 1.00 3.39
C PHE A 15 14.21 2.47 3.28
N ARG A 16 14.98 3.34 3.94
CA ARG A 16 14.70 4.79 3.88
C ARG A 16 14.77 5.35 2.45
N GLU A 17 15.79 4.89 1.72
CA GLU A 17 15.98 5.37 0.33
C GLU A 17 14.82 4.91 -0.55
N SER A 18 14.31 3.71 -0.29
CA SER A 18 13.15 3.23 -1.03
C SER A 18 11.88 4.07 -0.74
N LEU A 19 11.60 4.33 0.54
CA LEU A 19 10.45 5.14 0.93
C LEU A 19 10.56 6.54 0.30
N TYR A 20 11.77 7.09 0.26
CA TYR A 20 11.97 8.42 -0.25
C TYR A 20 11.58 8.57 -1.75
N SER A 21 11.67 7.47 -2.49
CA SER A 21 11.32 7.46 -3.89
C SER A 21 9.80 7.32 -4.13
N ALA A 22 9.02 7.02 -3.08
CA ALA A 22 7.60 6.69 -3.28
C ALA A 22 6.81 7.88 -3.79
N LYS A 23 5.89 7.61 -4.70
CA LYS A 23 4.95 8.62 -5.24
C LYS A 23 3.50 8.38 -4.86
N ASN A 24 3.13 7.12 -4.60
CA ASN A 24 1.71 6.78 -4.34
C ASN A 24 1.51 6.18 -2.97
N GLU A 25 2.18 5.04 -2.70
CA GLU A 25 1.93 4.39 -1.41
C GLU A 25 3.13 3.55 -1.04
N VAL A 26 3.38 3.46 0.25
CA VAL A 26 4.34 2.51 0.78
CA VAL A 26 4.34 2.52 0.79
C VAL A 26 3.59 1.62 1.75
N ILE A 27 3.83 0.31 1.63
CA ILE A 27 3.31 -0.65 2.61
C ILE A 27 4.50 -0.99 3.47
N VAL A 28 4.33 -0.88 4.79
CA VAL A 28 5.44 -1.18 5.72
C VAL A 28 4.89 -2.22 6.70
N VAL A 29 5.60 -3.33 6.84
CA VAL A 29 5.28 -4.32 7.88
C VAL A 29 6.46 -4.29 8.83
N THR A 30 6.23 -3.96 10.09
CA THR A 30 7.36 -3.84 11.01
C THR A 30 7.06 -4.46 12.37
N PRO A 31 8.06 -5.11 12.97
CA PRO A 31 7.91 -5.38 14.42
C PRO A 31 7.83 -4.05 15.14
N SER A 32 7.09 -4.02 16.22
CA SER A 32 6.97 -2.77 16.98
C SER A 32 8.29 -2.29 17.56
N GLU A 33 9.25 -3.21 17.75
CA GLU A 33 10.60 -2.88 18.20
C GLU A 33 11.25 -1.82 17.35
N PHE A 34 10.83 -1.76 16.09
CA PHE A 34 11.52 -0.88 15.15
C PHE A 34 10.74 0.33 14.72
N PHE A 35 9.56 0.52 15.33
CA PHE A 35 8.78 1.68 14.97
C PHE A 35 9.56 3.00 15.20
N GLU A 36 10.17 3.16 16.39
CA GLU A 36 10.89 4.43 16.62
C GLU A 36 12.03 4.68 15.62
N THR A 37 12.66 3.62 15.14
CA THR A 37 13.69 3.73 14.10
C THR A 37 13.16 4.36 12.82
N ILE A 38 11.92 4.03 12.47
CA ILE A 38 11.37 4.51 11.19
C ILE A 38 10.29 5.58 11.30
N ARG A 39 9.96 5.99 12.52
CA ARG A 39 8.87 6.90 12.74
C ARG A 39 8.99 8.18 11.88
N GLU A 40 10.14 8.83 11.92
CA GLU A 40 10.27 10.07 11.18
C GLU A 40 10.28 9.86 9.68
N ASP A 41 10.74 8.68 9.22
CA ASP A 41 10.66 8.38 7.79
C ASP A 41 9.25 8.12 7.28
N LEU A 42 8.40 7.52 8.10
CA LEU A 42 6.97 7.66 7.96
C LEU A 42 6.36 9.01 7.87
N ILE A 43 6.70 9.83 8.83
CA ILE A 43 6.19 11.17 8.83
C ILE A 43 6.55 11.92 7.54
N LYS A 44 7.81 11.81 7.11
CA LYS A 44 8.27 12.54 5.92
C LYS A 44 7.63 12.03 4.66
N THR A 45 7.36 10.73 4.62
CA THR A 45 6.64 10.14 3.50
C THR A 45 5.21 10.69 3.41
N LEU A 46 4.50 10.68 4.54
CA LEU A 46 3.13 11.23 4.59
C LEU A 46 3.10 12.69 4.17
N GLU A 47 4.12 13.43 4.58
CA GLU A 47 4.14 14.89 4.27
C GLU A 47 4.28 15.19 2.76
N ARG A 48 4.75 14.23 1.97
CA ARG A 48 4.77 14.39 0.50
C ARG A 48 3.42 14.04 -0.13
N GLY A 49 2.44 13.59 0.67
CA GLY A 49 1.12 13.20 0.10
C GLY A 49 1.02 11.71 -0.26
N VAL A 50 2.08 10.96 0.06
CA VAL A 50 2.12 9.51 -0.19
C VAL A 50 1.41 8.79 0.93
N THR A 51 0.60 7.79 0.55
CA THR A 51 -0.06 6.99 1.60
C THR A 51 0.92 6.07 2.31
N VAL A 52 0.80 5.99 3.63
CA VAL A 52 1.56 4.97 4.35
C VAL A 52 0.54 3.97 4.88
N SER A 53 0.74 2.69 4.52
CA SER A 53 -0.09 1.59 5.00
C SER A 53 0.80 0.72 5.87
N LEU A 54 0.63 0.87 7.19
CA LEU A 54 1.51 0.23 8.17
C LEU A 54 0.83 -1.00 8.77
N TYR A 55 1.63 -2.06 8.93
CA TYR A 55 1.24 -3.26 9.69
C TYR A 55 2.20 -3.38 10.86
N ILE A 56 1.66 -3.58 12.06
CA ILE A 56 2.51 -3.58 13.25
C ILE A 56 1.83 -4.44 14.35
N ASP A 57 2.64 -5.05 15.24
CA ASP A 57 2.05 -5.97 16.22
C ASP A 57 1.39 -5.25 17.42
N LYS A 58 1.73 -3.97 17.64
CA LYS A 58 1.16 -3.19 18.72
C LYS A 58 1.08 -1.77 18.21
N ILE A 59 -0.06 -1.10 18.42
CA ILE A 59 -0.23 0.26 17.90
C ILE A 59 0.53 1.25 18.79
N PRO A 60 1.46 2.01 18.22
CA PRO A 60 2.24 2.98 19.02
C PRO A 60 1.42 4.22 19.35
N ASP A 61 2.07 5.14 20.09
CA ASP A 61 1.59 6.52 20.24
C ASP A 61 1.69 7.16 18.86
N LEU A 62 0.52 7.46 18.27
CA LEU A 62 0.45 8.10 16.95
C LEU A 62 0.00 9.57 16.96
N SER A 63 0.12 10.23 18.12
CA SER A 63 -0.17 11.66 18.31
C SER A 63 0.43 12.49 17.22
N GLU A 64 1.72 12.26 16.95
CA GLU A 64 2.52 13.04 16.02
C GLU A 64 1.96 13.00 14.60
N PHE A 65 1.21 11.93 14.30
CA PHE A 65 0.66 11.73 12.94
C PHE A 65 -0.60 12.54 12.57
N LYS A 66 -1.22 13.16 13.57
CA LYS A 66 -2.42 13.95 13.42
C LYS A 66 -2.28 14.93 12.24
N GLY A 67 -3.21 14.85 11.28
CA GLY A 67 -3.15 15.71 10.08
C GLY A 67 -2.02 15.63 9.06
N LYS A 68 -1.07 14.70 9.25
CA LYS A 68 0.19 14.65 8.46
C LYS A 68 0.01 14.12 7.03
N GLY A 69 -1.07 13.36 6.81
CA GLY A 69 -1.31 12.80 5.48
C GLY A 69 -2.32 11.68 5.57
N ASN A 70 -2.24 10.77 4.60
CA ASN A 70 -3.18 9.63 4.53
C ASN A 70 -2.47 8.39 5.07
N PHE A 71 -2.91 7.95 6.25
CA PHE A 71 -2.16 6.94 7.05
C PHE A 71 -3.13 5.87 7.53
N PHE A 72 -2.79 4.61 7.24
CA PHE A 72 -3.61 3.47 7.67
C PHE A 72 -2.72 2.60 8.53
N VAL A 73 -3.25 2.15 9.67
CA VAL A 73 -2.49 1.22 10.52
C VAL A 73 -3.34 0.01 10.82
N ARG A 74 -2.77 -1.15 10.55
CA ARG A 74 -3.43 -2.41 10.83
C ARG A 74 -2.58 -3.21 11.82
N GLN A 75 -3.26 -3.86 12.76
CA GLN A 75 -2.55 -4.67 13.77
C GLN A 75 -2.46 -6.09 13.27
N PHE A 76 -1.23 -6.61 13.34
CA PHE A 76 -0.93 -7.98 12.94
C PHE A 76 0.15 -8.49 13.92
N TYR A 77 -0.19 -9.52 14.70
CA TYR A 77 0.76 -10.10 15.67
C TYR A 77 1.10 -11.50 15.06
N LYS A 78 2.31 -11.75 14.56
CA LYS A 78 3.43 -10.80 14.49
C LYS A 78 4.32 -11.28 13.35
N LEU A 79 4.91 -10.33 12.63
CA LEU A 79 5.94 -10.66 11.63
C LEU A 79 7.27 -10.16 12.16
N ASN A 80 8.30 -11.01 12.10
CA ASN A 80 9.60 -10.67 12.66
C ASN A 80 10.55 -9.99 11.69
N HIS A 81 10.03 -9.65 10.48
CA HIS A 81 10.82 -9.02 9.42
C HIS A 81 10.36 -7.59 9.25
N LEU A 82 11.29 -6.73 8.84
CA LEU A 82 10.88 -5.39 8.38
C LEU A 82 10.74 -5.50 6.85
N ILE A 83 9.56 -5.16 6.34
CA ILE A 83 9.32 -5.15 4.89
C ILE A 83 8.79 -3.77 4.49
N GLY A 84 9.38 -3.20 3.46
CA GLY A 84 8.79 -2.02 2.82
C GLY A 84 8.57 -2.31 1.36
N MET A 85 7.36 -2.05 0.85
CA MET A 85 7.11 -2.17 -0.58
C MET A 85 6.62 -0.81 -1.09
N THR A 86 7.31 -0.27 -2.11
CA THR A 86 7.09 1.10 -2.53
C THR A 86 6.51 1.12 -3.94
N ASP A 87 5.29 1.66 -4.05
CA ASP A 87 4.63 1.85 -5.35
C ASP A 87 4.45 0.53 -6.13
N GLY A 88 4.54 -0.62 -5.46
CA GLY A 88 4.50 -1.91 -6.17
C GLY A 88 5.69 -2.18 -7.08
N LYS A 89 6.72 -1.34 -6.96
CA LYS A 89 7.90 -1.40 -7.84
C LYS A 89 9.14 -1.98 -7.20
N GLU A 90 9.25 -1.86 -5.89
CA GLU A 90 10.47 -2.28 -5.20
C GLU A 90 10.12 -2.71 -3.79
N VAL A 91 10.82 -3.71 -3.30
CA VAL A 91 10.72 -4.14 -1.92
C VAL A 91 12.07 -4.12 -1.24
N VAL A 92 12.06 -3.83 0.06
CA VAL A 92 13.24 -4.01 0.92
C VAL A 92 12.78 -4.89 2.05
N THR A 93 13.60 -5.90 2.36
CA THR A 93 13.21 -6.88 3.42
C THR A 93 14.40 -7.07 4.32
N ILE A 94 14.18 -6.98 5.64
CA ILE A 94 15.20 -7.32 6.62
C ILE A 94 14.72 -8.60 7.35
N GLN A 95 15.39 -9.74 7.14
CA GLN A 95 14.86 -11.03 7.64
C GLN A 95 15.12 -11.17 9.13
N ASN A 96 14.08 -11.58 9.86
CA ASN A 96 14.24 -11.91 11.27
C ASN A 96 14.91 -10.80 12.08
N ALA A 97 14.55 -9.57 11.73
CA ALA A 97 15.04 -8.32 12.41
C ALA A 97 14.79 -8.37 13.93
N THR A 98 13.68 -8.96 14.35
CA THR A 98 13.41 -9.05 15.80
C THR A 98 14.53 -9.71 16.57
N PHE A 99 15.21 -10.67 15.92
CA PHE A 99 16.20 -11.52 16.57
C PHE A 99 17.62 -11.09 16.31
N ASP A 100 17.83 -10.29 15.26
CA ASP A 100 19.16 -9.83 14.91
C ASP A 100 19.05 -8.47 14.23
N SER A 101 19.56 -7.45 14.91
CA SER A 101 19.59 -6.09 14.34
C SER A 101 20.81 -5.10 14.45
N ILE A 102 22.13 -5.26 14.26
CA ILE A 102 23.16 -6.23 13.85
C ILE A 102 23.46 -6.71 12.44
N GLY A 103 23.40 -8.01 12.21
CA GLY A 103 23.85 -8.60 10.96
C GLY A 103 22.84 -9.47 10.18
N PRO A 104 21.55 -9.08 10.15
CA PRO A 104 20.58 -10.01 9.48
C PRO A 104 20.74 -9.93 7.96
N PRO A 105 20.34 -10.99 7.24
CA PRO A 105 20.27 -10.91 5.79
C PRO A 105 19.15 -9.95 5.43
N SER A 106 19.49 -9.05 4.53
CA SER A 106 18.50 -8.13 3.98
CA SER A 106 18.51 -8.11 3.98
C SER A 106 18.66 -8.06 2.47
N PHE A 107 17.60 -7.68 1.77
CA PHE A 107 17.68 -7.50 0.33
C PHE A 107 16.75 -6.40 -0.14
N LYS A 108 17.07 -5.85 -1.31
CA LYS A 108 16.22 -4.88 -1.98
C LYS A 108 16.13 -5.31 -3.44
N SER A 109 14.91 -5.33 -4.00
CA SER A 109 14.77 -5.77 -5.37
C SER A 109 13.56 -5.18 -6.08
N THR A 110 13.68 -5.07 -7.42
CA THR A 110 12.57 -4.76 -8.28
C THR A 110 12.07 -5.94 -9.09
N TYR A 111 12.61 -7.14 -8.88
CA TYR A 111 12.23 -8.27 -9.71
C TYR A 111 10.77 -8.63 -9.50
N PRO A 112 9.99 -8.74 -10.60
CA PRO A 112 8.55 -9.04 -10.44
C PRO A 112 8.24 -10.34 -9.73
N GLU A 113 9.16 -11.31 -9.75
CA GLU A 113 8.91 -12.58 -9.07
C GLU A 113 8.97 -12.36 -7.56
N ILE A 114 9.91 -11.52 -7.13
CA ILE A 114 9.99 -11.15 -5.71
C ILE A 114 8.78 -10.29 -5.31
N ILE A 115 8.41 -9.33 -6.16
CA ILE A 115 7.26 -8.50 -5.86
C ILE A 115 5.99 -9.35 -5.80
N PHE A 116 5.82 -10.27 -6.74
CA PHE A 116 4.63 -11.17 -6.70
C PHE A 116 4.59 -11.93 -5.37
N SER A 117 5.74 -12.48 -4.99
CA SER A 117 5.77 -13.33 -3.78
C SER A 117 5.43 -12.49 -2.55
N GLN A 118 5.97 -11.27 -2.48
CA GLN A 118 5.73 -10.43 -1.30
C GLN A 118 4.36 -9.77 -1.31
N TYR A 119 3.87 -9.42 -2.51
CA TYR A 119 2.48 -8.93 -2.63
C TYR A 119 1.51 -9.99 -2.06
N SER A 120 1.78 -11.25 -2.43
CA SER A 120 0.93 -12.34 -1.96
C SER A 120 1.03 -12.53 -0.43
N LEU A 121 2.26 -12.46 0.09
CA LEU A 121 2.51 -12.52 1.55
C LEU A 121 1.72 -11.40 2.24
N ILE A 122 1.86 -10.15 1.73
CA ILE A 122 1.19 -9.04 2.37
C ILE A 122 -0.33 -9.22 2.36
N ILE A 123 -0.87 -9.77 1.26
CA ILE A 123 -2.32 -10.00 1.22
C ILE A 123 -2.73 -11.02 2.34
N GLU A 124 -1.93 -12.07 2.56
CA GLU A 124 -2.31 -13.00 3.65
C GLU A 124 -2.28 -12.25 4.99
N ILE A 125 -1.25 -11.42 5.19
CA ILE A 125 -1.15 -10.63 6.45
C ILE A 125 -2.38 -9.72 6.57
N PHE A 126 -2.75 -9.06 5.46
CA PHE A 126 -3.96 -8.24 5.43
C PHE A 126 -5.17 -9.01 5.89
N LYS A 127 -5.35 -10.22 5.38
CA LYS A 127 -6.48 -11.03 5.80
C LYS A 127 -6.46 -11.32 7.30
N GLU A 128 -5.25 -11.49 7.84
CA GLU A 128 -4.99 -11.86 9.24
C GLU A 128 -4.95 -10.64 10.17
N SER A 129 -5.19 -9.40 9.63
CA SER A 129 -5.00 -8.16 10.40
CA SER A 129 -5.01 -8.16 10.39
C SER A 129 -6.35 -7.49 10.73
N THR A 130 -6.29 -6.47 11.62
CA THR A 130 -7.45 -5.60 11.91
C THR A 130 -7.04 -4.12 11.74
N LEU A 131 -7.91 -3.36 11.08
CA LEU A 131 -7.65 -1.93 10.89
C LEU A 131 -7.85 -1.28 12.23
N GLU A 132 -6.84 -0.54 12.70
CA GLU A 132 -6.94 0.17 14.00
C GLU A 132 -6.91 1.69 13.88
N LYS A 133 -6.39 2.18 12.78
CA LYS A 133 -6.30 3.61 12.62
C LYS A 133 -6.39 3.94 11.16
N GLU A 134 -7.14 4.99 10.90
CA GLU A 134 -7.19 5.58 9.59
C GLU A 134 -7.22 7.08 9.81
N ILE A 135 -6.26 7.74 9.19
CA ILE A 135 -6.25 9.20 9.19
C ILE A 135 -6.24 9.63 7.72
N ILE A 136 -7.25 10.38 7.30
CA ILE A 136 -7.35 10.87 5.92
C ILE A 136 -7.09 12.38 5.93
N GLY A 137 -5.80 12.70 5.95
CA GLY A 137 -5.39 14.11 6.02
C GLY A 137 -5.61 14.86 4.71
N ASN A 138 -5.64 14.14 3.59
CA ASN A 138 -5.78 14.77 2.26
C ASN A 138 -6.88 14.07 1.45
N PRO A 139 -8.15 14.36 1.80
CA PRO A 139 -9.28 13.63 1.16
C PRO A 139 -9.44 13.94 -0.34
N LYS A 140 -8.76 14.98 -0.84
CA LYS A 140 -8.82 15.28 -2.28
C LYS A 140 -7.84 14.41 -3.06
N ASP A 141 -6.98 13.66 -2.36
CA ASP A 141 -5.89 12.95 -3.09
C ASP A 141 -5.41 11.78 -2.25
N ILE A 142 -6.20 10.72 -2.32
CA ILE A 142 -5.91 9.52 -1.51
C ILE A 142 -5.34 8.46 -2.43
N ARG A 143 -4.03 8.23 -2.28
CA ARG A 143 -3.32 7.42 -3.31
C ARG A 143 -3.09 6.00 -2.85
N PHE A 144 -3.11 5.08 -3.81
CA PHE A 144 -2.79 3.67 -3.51
C PHE A 144 -2.00 3.08 -4.65
N PHE A 145 -1.14 2.09 -4.32
CA PHE A 145 -0.67 1.19 -5.37
C PHE A 145 -1.29 -0.18 -5.21
N ALA A 146 -1.81 -0.52 -4.01
CA ALA A 146 -2.28 -1.86 -3.72
C ALA A 146 -3.80 -1.84 -3.78
N MET A 147 -4.38 -2.50 -4.78
CA MET A 147 -5.84 -2.40 -4.94
C MET A 147 -6.58 -3.00 -3.72
N PHE A 148 -5.98 -3.99 -3.03
CA PHE A 148 -6.73 -4.51 -1.86
C PHE A 148 -6.87 -3.47 -0.74
N HIS A 149 -5.86 -2.59 -0.57
CA HIS A 149 -6.01 -1.50 0.38
C HIS A 149 -7.05 -0.46 -0.14
N ALA A 150 -6.99 -0.16 -1.44
CA ALA A 150 -7.95 0.78 -2.01
C ALA A 150 -9.37 0.27 -1.86
N VAL A 151 -9.58 -1.03 -2.14
CA VAL A 151 -10.92 -1.60 -2.02
C VAL A 151 -11.36 -1.63 -0.53
N ASP A 152 -10.45 -1.94 0.40
CA ASP A 152 -10.85 -1.88 1.81
C ASP A 152 -11.35 -0.47 2.17
N PHE A 153 -10.68 0.55 1.65
CA PHE A 153 -11.10 1.93 1.91
C PHE A 153 -12.50 2.18 1.31
N VAL A 154 -12.67 1.79 0.04
CA VAL A 154 -14.01 1.89 -0.60
C VAL A 154 -15.09 1.18 0.26
N LYS A 155 -14.80 -0.06 0.66
CA LYS A 155 -15.77 -0.81 1.43
C LYS A 155 -16.22 -0.03 2.65
N ASN A 156 -15.29 0.67 3.30
CA ASN A 156 -15.61 1.34 4.59
C ASN A 156 -16.28 2.71 4.40
N HIS A 157 -16.24 3.26 3.18
CA HIS A 157 -16.71 4.63 3.00
C HIS A 157 -17.80 4.84 1.95
N LEU A 158 -17.92 3.95 0.98
CA LEU A 158 -18.83 4.17 -0.16
C LEU A 158 -20.28 4.38 0.23
N LYS A 159 -20.71 3.67 1.27
CA LYS A 159 -22.13 3.82 1.67
C LYS A 159 -22.45 5.23 2.20
N ASN A 160 -21.45 5.95 2.68
CA ASN A 160 -21.64 7.25 3.32
C ASN A 160 -21.18 8.46 2.51
N ARG A 161 -20.37 8.21 1.48
CA ARG A 161 -19.81 9.32 0.74
C ARG A 161 -19.56 8.91 -0.70
N ASN A 162 -19.74 9.81 -1.65
CA ASN A 162 -19.33 9.49 -3.01
C ASN A 162 -17.82 9.53 -3.11
N ILE A 163 -17.31 8.67 -3.98
CA ILE A 163 -15.84 8.55 -4.13
C ILE A 163 -15.53 8.56 -5.62
N TYR A 164 -14.69 9.51 -6.02
CA TYR A 164 -14.28 9.65 -7.44
C TYR A 164 -12.86 9.09 -7.56
N ALA A 165 -12.45 8.75 -8.79
CA ALA A 165 -11.14 8.14 -8.96
C ALA A 165 -10.48 8.63 -10.23
N GLU A 166 -9.15 8.65 -10.17
CA GLU A 166 -8.30 8.78 -11.36
C GLU A 166 -7.38 7.56 -11.29
N ILE A 167 -7.37 6.80 -12.37
CA ILE A 167 -6.62 5.56 -12.37
C ILE A 167 -5.76 5.48 -13.62
N THR A 168 -4.48 5.12 -13.47
CA THR A 168 -3.70 4.79 -14.67
C THR A 168 -3.47 3.28 -14.60
N GLY A 169 -3.76 2.58 -15.69
CA GLY A 169 -3.62 1.13 -15.62
C GLY A 169 -3.64 0.55 -17.02
N LYS A 170 -3.40 -0.75 -17.08
CA LYS A 170 -3.33 -1.48 -18.30
C LYS A 170 -4.71 -2.04 -18.63
N ASN A 171 -5.16 -1.77 -19.84
CA ASN A 171 -6.34 -2.37 -20.41
C ASN A 171 -5.99 -3.82 -20.67
N LEU A 172 -6.70 -4.76 -20.05
CA LEU A 172 -6.27 -6.16 -20.16
C LEU A 172 -6.64 -6.77 -21.49
N GLU A 173 -7.54 -6.13 -22.23
CA GLU A 173 -7.86 -6.58 -23.59
C GLU A 173 -6.78 -6.14 -24.58
N SER A 174 -6.46 -4.86 -24.58
CA SER A 174 -5.55 -4.28 -25.58
C SER A 174 -4.10 -4.31 -25.16
N GLY A 175 -3.85 -4.46 -23.85
CA GLY A 175 -2.51 -4.43 -23.30
C GLY A 175 -1.93 -3.02 -23.16
N ARG A 176 -2.71 -2.02 -23.54
CA ARG A 176 -2.20 -0.65 -23.51
C ARG A 176 -2.54 0.10 -22.24
N LEU A 177 -1.65 1.04 -21.91
CA LEU A 177 -1.85 1.91 -20.77
C LEU A 177 -2.92 2.96 -21.07
N GLU A 178 -3.80 3.15 -20.11
CA GLU A 178 -4.83 4.17 -20.22
C GLU A 178 -4.96 4.90 -18.90
N THR A 179 -5.48 6.11 -18.97
CA THR A 179 -5.86 6.85 -17.79
C THR A 179 -7.39 6.95 -17.82
N LEU A 180 -8.01 6.59 -16.70
CA LEU A 180 -9.47 6.58 -16.56
C LEU A 180 -9.86 7.52 -15.46
N THR A 181 -11.01 8.16 -15.62
CA THR A 181 -11.58 8.94 -14.53
C THR A 181 -13.06 8.59 -14.40
N GLY A 182 -13.60 8.73 -13.20
CA GLY A 182 -15.02 8.50 -13.04
C GLY A 182 -15.36 8.34 -11.58
N ARG A 183 -16.53 7.76 -11.34
CA ARG A 183 -17.05 7.61 -9.96
C ARG A 183 -17.00 6.14 -9.57
N VAL A 184 -16.53 5.83 -8.35
CA VAL A 184 -16.56 4.46 -7.85
C VAL A 184 -18.02 4.17 -7.47
N VAL A 185 -18.58 3.11 -8.06
CA VAL A 185 -19.97 2.77 -7.85
C VAL A 185 -20.15 1.41 -7.17
N GLY A 186 -19.05 0.67 -6.97
CA GLY A 186 -19.14 -0.60 -6.26
C GLY A 186 -17.76 -1.18 -6.13
N TYR A 187 -17.71 -2.42 -5.65
CA TYR A 187 -16.43 -3.11 -5.47
C TYR A 187 -16.66 -4.57 -5.26
N THR A 188 -15.57 -5.34 -5.45
CA THR A 188 -15.59 -6.75 -5.09
C THR A 188 -14.45 -6.96 -4.11
N LEU A 189 -14.76 -7.58 -2.97
CA LEU A 189 -13.72 -7.98 -2.05
C LEU A 189 -14.00 -9.37 -1.52
N SER A 190 -13.40 -10.40 -2.11
CA SER A 190 -13.63 -11.78 -1.69
C SER A 190 -12.39 -12.10 -0.88
N LEU A 191 -12.47 -11.87 0.44
CA LEU A 191 -11.29 -11.85 1.26
C LEU A 191 -10.55 -13.19 1.20
N ARG A 192 -11.28 -14.27 1.38
CA ARG A 192 -10.64 -15.58 1.55
C ARG A 192 -9.84 -16.01 0.35
N GLU A 193 -10.25 -15.60 -0.86
CA GLU A 193 -9.45 -15.96 -2.04
C GLU A 193 -8.69 -14.80 -2.65
N ALA A 194 -8.77 -13.61 -2.00
CA ALA A 194 -7.92 -12.46 -2.33
C ALA A 194 -8.31 -11.77 -3.66
N VAL A 195 -9.51 -12.02 -4.16
CA VAL A 195 -10.00 -11.28 -5.34
C VAL A 195 -10.44 -9.89 -4.86
N ASN A 196 -10.03 -8.82 -5.56
CA ASN A 196 -10.39 -7.48 -5.10
C ASN A 196 -10.39 -6.52 -6.29
N ASN A 197 -11.44 -5.73 -6.41
CA ASN A 197 -11.45 -4.74 -7.51
C ASN A 197 -12.46 -3.63 -7.19
N ILE A 198 -12.26 -2.49 -7.84
CA ILE A 198 -13.30 -1.48 -7.81
C ILE A 198 -14.12 -1.50 -9.10
N HIS A 199 -15.37 -1.02 -9.01
CA HIS A 199 -16.24 -0.94 -10.17
C HIS A 199 -16.34 0.55 -10.40
N LEU A 200 -15.78 1.00 -11.52
CA LEU A 200 -15.59 2.44 -11.82
C LEU A 200 -16.49 2.83 -12.99
N GLU A 201 -17.37 3.79 -12.76
CA GLU A 201 -18.22 4.32 -13.83
C GLU A 201 -17.44 5.37 -14.60
N THR A 202 -17.20 5.07 -15.88
CA THR A 202 -16.46 5.93 -16.77
C THR A 202 -17.39 6.32 -17.92
N GLU A 203 -16.90 7.19 -18.80
CA GLU A 203 -17.69 7.53 -19.98
C GLU A 203 -17.96 6.33 -20.89
N ASN A 204 -17.21 5.24 -20.69
CA ASN A 204 -17.46 4.03 -21.47
C ASN A 204 -18.26 2.97 -20.73
N GLY A 205 -18.85 3.31 -19.57
CA GLY A 205 -19.62 2.35 -18.82
C GLY A 205 -18.84 1.97 -17.57
N VAL A 206 -19.43 1.06 -16.81
CA VAL A 206 -18.85 0.61 -15.56
C VAL A 206 -17.82 -0.50 -15.86
N VAL A 207 -16.58 -0.24 -15.45
CA VAL A 207 -15.51 -1.22 -15.67
C VAL A 207 -14.92 -1.69 -14.34
N LYS A 208 -14.38 -2.90 -14.33
CA LYS A 208 -13.71 -3.40 -13.12
C LYS A 208 -12.22 -3.16 -13.22
N VAL A 209 -11.66 -2.59 -12.15
CA VAL A 209 -10.21 -2.30 -12.09
C VAL A 209 -9.64 -3.18 -10.97
N GLY A 210 -8.80 -4.13 -11.35
CA GLY A 210 -8.11 -5.00 -10.39
C GLY A 210 -6.74 -4.43 -10.10
N GLY A 211 -6.05 -5.07 -9.16
CA GLY A 211 -4.72 -4.64 -8.76
C GLY A 211 -3.62 -5.40 -9.48
N MET A 212 -2.41 -5.31 -8.91
CA MET A 212 -1.22 -5.94 -9.51
C MET A 212 -1.52 -7.40 -9.84
N PHE A 213 -1.10 -7.83 -11.04
CA PHE A 213 -1.22 -9.25 -11.46
C PHE A 213 -2.64 -9.65 -11.81
N ALA A 214 -3.57 -8.68 -11.88
CA ALA A 214 -4.97 -8.99 -12.21
C ALA A 214 -5.15 -9.75 -13.55
N VAL A 215 -6.15 -10.61 -13.56
CA VAL A 215 -6.55 -11.32 -14.78
C VAL A 215 -8.04 -11.11 -15.16
N ILE A 216 -8.94 -11.21 -14.18
CA ILE A 216 -10.36 -11.30 -14.56
C ILE A 216 -11.02 -9.94 -14.80
N GLU A 217 -10.41 -8.88 -14.32
CA GLU A 217 -10.99 -7.56 -14.43
C GLU A 217 -10.76 -6.95 -15.83
N ASP A 218 -11.28 -5.74 -16.04
CA ASP A 218 -11.09 -5.08 -17.36
C ASP A 218 -9.75 -4.36 -17.43
N TYR A 219 -9.25 -3.93 -16.26
CA TYR A 219 -7.98 -3.19 -16.13
C TYR A 219 -7.20 -3.72 -14.96
N GLU A 220 -5.89 -3.55 -15.06
CA GLU A 220 -4.98 -3.78 -13.94
CA GLU A 220 -4.91 -3.80 -13.97
C GLU A 220 -4.34 -2.43 -13.57
N SER A 221 -4.31 -2.09 -12.29
CA SER A 221 -3.71 -0.82 -11.90
C SER A 221 -2.95 -0.91 -10.59
N THR A 222 -1.79 -0.23 -10.60
CA THR A 222 -1.05 0.09 -9.36
C THR A 222 -0.89 1.59 -9.16
N GLU A 223 -1.76 2.36 -9.81
CA GLU A 223 -1.64 3.84 -9.75
C GLU A 223 -3.06 4.39 -9.60
N ILE A 224 -3.48 4.50 -8.34
CA ILE A 224 -4.88 4.76 -7.99
C ILE A 224 -4.95 6.05 -7.16
N LYS A 225 -5.86 6.98 -7.51
CA LYS A 225 -6.09 8.18 -6.71
C LYS A 225 -7.59 8.28 -6.48
N PHE A 226 -7.99 8.37 -5.23
CA PHE A 226 -9.39 8.68 -4.90
C PHE A 226 -9.55 10.14 -4.46
N ILE A 227 -10.75 10.65 -4.74
CA ILE A 227 -11.09 12.01 -4.41
C ILE A 227 -12.45 11.93 -3.72
N MET A 228 -12.52 12.32 -2.46
CA MET A 228 -13.82 12.22 -1.77
C MET A 228 -14.80 13.27 -2.27
N GLY A 229 -16.06 12.87 -2.42
CA GLY A 229 -17.07 13.78 -2.94
C GLY A 229 -17.19 14.99 -2.04
N GLY A 230 -17.17 16.17 -2.67
CA GLY A 230 -17.28 17.46 -1.98
C GLY A 230 -15.95 18.00 -1.50
N SER A 231 -14.89 17.16 -1.52
CA SER A 231 -13.62 17.59 -0.95
C SER A 231 -13.00 18.77 -1.71
N ARG A 232 -13.32 18.91 -2.99
CA ARG A 232 -12.60 19.95 -3.76
C ARG A 232 -13.26 21.32 -3.70
N SER A 233 -14.51 21.37 -3.24
CA SER A 233 -15.31 22.61 -3.16
C SER A 233 -14.93 23.69 -2.09
C1 GLC B . -2.80 -13.08 -4.37
C2 GLC B . -1.93 -12.34 -5.40
C3 GLC B . -2.77 -11.32 -6.17
C4 GLC B . -4.08 -11.90 -6.69
C5 GLC B . -4.82 -12.64 -5.58
C6 GLC B . -6.09 -13.34 -6.08
O1 GLC B . -2.09 -14.02 -3.68
O2 GLC B . -0.82 -11.68 -4.84
O3 GLC B . -2.01 -10.82 -7.23
O4 GLC B . -4.94 -10.83 -7.08
O5 GLC B . -3.96 -13.59 -4.95
O6 GLC B . -5.79 -14.51 -6.82
C1 GLC B . -4.79 -10.33 -8.36
C2 GLC B . -5.14 -8.83 -8.30
C3 GLC B . -6.58 -8.71 -7.81
C4 GLC B . -7.55 -9.49 -8.73
C5 GLC B . -7.07 -10.93 -8.93
C6 GLC B . -7.88 -11.62 -10.03
O2 GLC B . -4.26 -8.14 -7.45
O3 GLC B . -6.93 -7.31 -7.71
O4 GLC B . -8.84 -9.43 -8.16
O5 GLC B . -5.68 -10.94 -9.30
O6 GLC B . -7.80 -10.92 -11.30
N1 IMD C . -9.40 -9.51 -18.63
C2 IMD C . -8.34 -10.20 -19.16
N3 IMD C . -8.33 -10.06 -20.51
C4 IMD C . -9.37 -9.26 -20.82
C5 IMD C . -10.05 -8.89 -19.66
#